data_1OFM
#
_entry.id   1OFM
#
_cell.length_a   50.537
_cell.length_b   74.069
_cell.length_c   58.989
_cell.angle_alpha   90.00
_cell.angle_beta   93.76
_cell.angle_gamma   90.00
#
_symmetry.space_group_name_H-M   'P 1 21 1'
#
loop_
_entity.id
_entity.type
_entity.pdbx_description
1 polymer 'CHONDROITINASE B'
2 branched 'alpha-D-galactopyranose-(1-3)-[beta-D-glucopyranose-(1-4)]2-O-methyl-alpha-L-fucopyranose-(1-4)-beta-D-xylopyranose-(1-4)-alpha-D-glucopyranuronic acid-(1-2)-[alpha-L-rhamnopyranose-(1-4)]alpha-D-mannopyranose'
3 branched '4-deoxy-alpha-L-threo-hex-4-enopyranuronic acid-(1-3)-2-acetamido-2-deoxy-4-O-sulfo-beta-D-galactopyranose-(1-4)-beta-D-glucopyranuronic acid-(1-3)-2-acetamido-2-deoxy-4-O-sulfo-beta-D-galactopyranose'
4 water water
#
_entity_poly.entity_id   1
_entity_poly.type   'polypeptide(L)'
_entity_poly.pdbx_seq_one_letter_code
;(PCA)VVASNETLYQVVKEVKPGGLVQIADGTYKDVQLIVSNSGKSGLPITIKALNPGKVFFTGDAKVELRGEHLILEGI
WFKDGNRAIQAWKSHGPGLVAIYGSYNRITACVFDCFDEANSAYITTSLTEDGKVPQHCRIDHCSFTDKITFDQVINLNN
TARAIKDGSVGGPAMYHRVDHCFFSNPQKPGNAGGGIRIGYYRNDIGRCLVDSNLFMRQDSEAEIITSKSQENVYYGNTY
LNCQGTMNFRHGDHQVAINNFYIGNDQRFGYGGMFVWGSRHVIACNYFELSETIKSRGNAALYLNPGAMASEHALAFDML
IANNAFINVNGYAIHFNPLDERRKEYCAANRLKFETPHQLMLKGNLFFKDKPYVYPFFKDDYFIAGKNSWTGNVALGVEK
GIPVNISANRSAYKPVKIKDIQPIEGIALDLNALISKGITGKPLSWDEVRPYWLKEMPGTYALTARLSADRAAKFKAVIK
RNKEH
;
_entity_poly.pdbx_strand_id   A
#
loop_
_chem_comp.id
_chem_comp.type
_chem_comp.name
_chem_comp.formula
ASG D-saccharide, beta linking 2-acetamido-2-deoxy-4-O-sulfo-beta-D-galactopyranose 'C8 H15 N O9 S'
BDP D-saccharide, beta linking 'beta-D-glucopyranuronic acid' 'C6 H10 O7'
BGC D-saccharide, beta linking beta-D-glucopyranose 'C6 H12 O6'
GCD L-saccharide, alpha linking '4-deoxy-alpha-L-threo-hex-4-enopyranuronic acid' 'C6 H8 O6'
GCU D-saccharide, alpha linking 'alpha-D-glucopyranuronic acid' 'C6 H10 O7'
GLA D-saccharide, alpha linking alpha-D-galactopyranose 'C6 H12 O6'
MAN D-saccharide, alpha linking alpha-D-mannopyranose 'C6 H12 O6'
MXZ L-saccharide, alpha linking 2-O-methyl-alpha-L-fucopyranose 'C7 H14 O5'
RAM L-saccharide, alpha linking alpha-L-rhamnopyranose 'C6 H12 O5'
XYP D-saccharide, beta linking beta-D-xylopyranose 'C5 H10 O5'
#
# COMPACT_ATOMS: atom_id res chain seq x y z
N PCA A 1 -30.05 -0.55 18.55
CA PCA A 1 -30.46 0.47 19.51
CB PCA A 1 -30.71 -0.23 20.83
CG PCA A 1 -31.13 -1.62 20.36
CD PCA A 1 -30.21 -1.89 19.13
OE PCA A 1 -30.09 -2.82 18.36
C PCA A 1 -29.36 1.51 19.70
O PCA A 1 -28.22 1.30 19.27
N VAL A 2 -29.73 2.61 20.33
CA VAL A 2 -28.77 3.67 20.64
C VAL A 2 -28.16 3.32 22.00
N VAL A 3 -26.83 3.39 22.07
CA VAL A 3 -26.11 3.11 23.32
C VAL A 3 -25.23 4.32 23.62
N ALA A 4 -25.08 4.64 24.91
CA ALA A 4 -24.32 5.80 25.31
C ALA A 4 -23.17 5.54 26.28
N SER A 5 -22.81 4.28 26.48
CA SER A 5 -21.69 3.98 27.39
C SER A 5 -21.01 2.69 26.92
N ASN A 6 -19.80 2.43 27.41
CA ASN A 6 -19.12 1.19 27.03
C ASN A 6 -19.96 -0.03 27.39
N GLU A 7 -20.46 -0.06 28.64
CA GLU A 7 -21.26 -1.18 29.10
C GLU A 7 -22.50 -1.48 28.26
N THR A 8 -23.27 -0.46 27.93
CA THR A 8 -24.46 -0.68 27.14
C THR A 8 -24.12 -1.10 25.71
N LEU A 9 -23.00 -0.58 25.18
CA LEU A 9 -22.55 -0.99 23.86
C LEU A 9 -22.20 -2.48 23.87
N TYR A 10 -21.47 -2.94 24.90
CA TYR A 10 -21.08 -4.35 25.02
C TYR A 10 -22.31 -5.25 25.01
N GLN A 11 -23.32 -4.85 25.75
CA GLN A 11 -24.56 -5.63 25.86
C GLN A 11 -25.36 -5.69 24.56
N VAL A 12 -25.57 -4.56 23.92
CA VAL A 12 -26.35 -4.55 22.69
C VAL A 12 -25.67 -5.35 21.58
N VAL A 13 -24.35 -5.26 21.55
CA VAL A 13 -23.58 -6.00 20.53
C VAL A 13 -23.70 -7.51 20.72
N LYS A 14 -23.98 -7.98 21.93
CA LYS A 14 -24.14 -9.42 22.16
C LYS A 14 -25.53 -9.89 21.76
N GLU A 15 -26.46 -8.95 21.65
CA GLU A 15 -27.86 -9.26 21.31
C GLU A 15 -28.26 -8.96 19.88
N VAL A 16 -27.52 -8.09 19.21
CA VAL A 16 -27.89 -7.68 17.87
C VAL A 16 -28.02 -8.83 16.87
N LYS A 17 -29.04 -8.75 16.03
CA LYS A 17 -29.33 -9.78 15.04
C LYS A 17 -29.05 -9.29 13.65
N PRO A 18 -29.01 -10.20 12.66
CA PRO A 18 -28.75 -9.79 11.28
C PRO A 18 -29.63 -8.63 10.87
N GLY A 19 -29.05 -7.65 10.19
CA GLY A 19 -29.79 -6.49 9.73
C GLY A 19 -29.91 -5.42 10.81
N GLY A 20 -29.39 -5.72 11.99
CA GLY A 20 -29.47 -4.80 13.11
C GLY A 20 -28.66 -3.53 12.92
N LEU A 21 -29.01 -2.49 13.69
CA LEU A 21 -28.32 -1.22 13.62
C LEU A 21 -28.05 -0.74 15.05
N VAL A 22 -26.77 -0.66 15.43
CA VAL A 22 -26.35 -0.19 16.74
C VAL A 22 -25.77 1.21 16.50
N GLN A 23 -26.35 2.20 17.15
CA GLN A 23 -25.92 3.59 17.01
C GLN A 23 -25.33 4.09 18.32
N ILE A 24 -24.12 4.61 18.25
CA ILE A 24 -23.41 5.08 19.43
C ILE A 24 -23.65 6.57 19.65
N ALA A 25 -24.20 6.94 20.80
CA ALA A 25 -24.51 8.33 21.11
C ALA A 25 -23.25 9.18 21.16
N ASP A 26 -23.41 10.48 20.93
CA ASP A 26 -22.27 11.40 20.98
C ASP A 26 -21.51 11.21 22.29
N GLY A 27 -20.18 11.17 22.21
CA GLY A 27 -19.41 11.04 23.42
C GLY A 27 -18.08 10.38 23.24
N THR A 28 -17.37 10.22 24.36
CA THR A 28 -16.06 9.59 24.36
C THR A 28 -16.20 8.22 25.01
N TYR A 29 -15.67 7.21 24.33
CA TYR A 29 -15.72 5.83 24.81
C TYR A 29 -14.29 5.40 25.12
N LYS A 30 -13.89 5.71 26.35
CA LYS A 30 -12.54 5.46 26.85
C LYS A 30 -12.27 4.04 27.32
N ASP A 31 -11.15 3.49 26.84
CA ASP A 31 -10.75 2.12 27.18
C ASP A 31 -11.79 1.14 26.65
N VAL A 32 -12.49 1.51 25.59
CA VAL A 32 -13.54 0.63 25.05
C VAL A 32 -12.97 -0.66 24.44
N GLN A 33 -13.57 -1.77 24.81
CA GLN A 33 -13.16 -3.08 24.32
C GLN A 33 -14.33 -3.65 23.54
N LEU A 34 -14.44 -3.27 22.28
CA LEU A 34 -15.54 -3.71 21.43
C LEU A 34 -15.25 -5.02 20.73
N ILE A 35 -15.92 -6.09 21.16
CA ILE A 35 -15.74 -7.41 20.59
C ILE A 35 -17.08 -7.83 19.98
N VAL A 36 -17.13 -7.96 18.66
CA VAL A 36 -18.37 -8.34 18.00
C VAL A 36 -18.21 -9.76 17.43
N SER A 37 -18.85 -10.72 18.10
CA SER A 37 -18.78 -12.12 17.68
C SER A 37 -20.01 -12.56 16.89
N ASN A 38 -21.12 -11.88 17.09
CA ASN A 38 -22.35 -12.21 16.35
C ASN A 38 -22.11 -11.93 14.87
N SER A 39 -22.95 -12.50 14.02
CA SER A 39 -22.84 -12.31 12.58
C SER A 39 -24.12 -11.81 11.94
N GLY A 40 -23.94 -11.04 10.88
CA GLY A 40 -25.08 -10.60 10.09
C GLY A 40 -25.14 -11.69 9.00
N LYS A 41 -25.88 -11.43 7.93
CA LYS A 41 -26.00 -12.37 6.82
C LYS A 41 -25.89 -11.59 5.53
N SER A 42 -25.69 -12.29 4.40
CA SER A 42 -25.63 -11.58 3.11
C SER A 42 -26.92 -10.80 2.93
N GLY A 43 -26.81 -9.51 2.61
CA GLY A 43 -27.99 -8.68 2.43
C GLY A 43 -28.57 -8.17 3.75
N LEU A 44 -28.06 -8.68 4.86
CA LEU A 44 -28.53 -8.28 6.18
C LEU A 44 -27.34 -8.09 7.10
N PRO A 45 -26.47 -7.13 6.78
CA PRO A 45 -25.31 -6.92 7.65
C PRO A 45 -25.73 -6.34 9.01
N ILE A 46 -24.81 -6.34 9.95
CA ILE A 46 -25.05 -5.72 11.26
C ILE A 46 -24.19 -4.47 11.19
N THR A 47 -24.78 -3.31 11.46
CA THR A 47 -24.05 -2.05 11.39
C THR A 47 -23.88 -1.45 12.78
N ILE A 48 -22.65 -1.08 13.11
CA ILE A 48 -22.32 -0.45 14.39
C ILE A 48 -21.70 0.87 13.94
N LYS A 49 -22.38 1.97 14.25
CA LYS A 49 -21.91 3.27 13.82
C LYS A 49 -22.21 4.36 14.78
N ALA A 50 -21.53 5.49 14.60
CA ALA A 50 -21.80 6.63 15.44
C ALA A 50 -23.16 7.17 14.97
N LEU A 51 -24.01 7.58 15.91
CA LEU A 51 -25.29 8.16 15.54
C LEU A 51 -24.96 9.42 14.74
N ASN A 52 -23.93 10.13 15.17
CA ASN A 52 -23.46 11.34 14.51
C ASN A 52 -21.96 11.26 14.30
N PRO A 53 -21.51 10.73 13.15
CA PRO A 53 -20.08 10.59 12.83
C PRO A 53 -19.39 11.93 13.03
N GLY A 54 -18.25 11.88 13.73
CA GLY A 54 -17.52 13.08 14.07
C GLY A 54 -17.72 13.42 15.55
N LYS A 55 -18.73 12.81 16.18
CA LYS A 55 -19.03 13.08 17.59
C LYS A 55 -18.75 11.87 18.50
N VAL A 56 -18.26 10.79 17.92
CA VAL A 56 -17.94 9.58 18.70
C VAL A 56 -16.46 9.29 18.67
N PHE A 57 -15.86 9.24 19.85
CA PHE A 57 -14.44 8.97 20.00
C PHE A 57 -14.12 7.71 20.78
N PHE A 58 -13.28 6.85 20.19
CA PHE A 58 -12.81 5.65 20.87
C PHE A 58 -11.40 6.03 21.32
N THR A 59 -11.17 6.03 22.63
CA THR A 59 -9.89 6.48 23.18
C THR A 59 -9.33 5.58 24.27
N GLY A 60 -8.19 5.98 24.82
CA GLY A 60 -7.59 5.20 25.89
C GLY A 60 -7.07 3.82 25.48
N ASP A 61 -7.14 2.89 26.41
CA ASP A 61 -6.68 1.51 26.20
C ASP A 61 -7.81 0.76 25.52
N ALA A 62 -7.98 1.05 24.24
CA ALA A 62 -9.05 0.50 23.42
C ALA A 62 -8.64 -0.63 22.48
N LYS A 63 -9.65 -1.32 21.97
CA LYS A 63 -9.43 -2.43 21.05
C LYS A 63 -10.78 -2.76 20.42
N VAL A 64 -10.78 -3.07 19.12
CA VAL A 64 -12.00 -3.49 18.43
C VAL A 64 -11.69 -4.83 17.74
N GLU A 65 -12.57 -5.81 17.88
CA GLU A 65 -12.39 -7.10 17.21
C GLU A 65 -13.68 -7.43 16.47
N LEU A 66 -13.62 -7.64 15.15
CA LEU A 66 -14.81 -7.99 14.38
C LEU A 66 -14.57 -9.46 14.08
N ARG A 67 -15.17 -10.31 14.91
CA ARG A 67 -15.00 -11.77 14.79
C ARG A 67 -16.10 -12.45 14.00
N GLY A 68 -17.29 -11.86 14.05
CA GLY A 68 -18.41 -12.39 13.29
C GLY A 68 -18.24 -11.98 11.84
N GLU A 69 -19.20 -12.35 10.99
CA GLU A 69 -19.18 -12.04 9.56
C GLU A 69 -20.29 -11.04 9.25
N HIS A 70 -20.18 -10.38 8.12
CA HIS A 70 -21.18 -9.42 7.65
C HIS A 70 -21.45 -8.32 8.65
N LEU A 71 -20.37 -7.69 9.09
CA LEU A 71 -20.43 -6.60 10.05
C LEU A 71 -19.90 -5.35 9.38
N ILE A 72 -20.41 -4.19 9.81
CA ILE A 72 -19.96 -2.91 9.30
C ILE A 72 -19.68 -1.99 10.49
N LEU A 73 -18.46 -1.43 10.56
CA LEU A 73 -18.10 -0.49 11.61
C LEU A 73 -17.93 0.84 10.87
N GLU A 74 -18.70 1.83 11.29
CA GLU A 74 -18.71 3.12 10.59
C GLU A 74 -18.72 4.40 11.45
N GLY A 75 -17.99 5.40 10.98
CA GLY A 75 -17.98 6.71 11.58
C GLY A 75 -17.36 6.91 12.95
N ILE A 76 -16.32 6.13 13.25
CA ILE A 76 -15.65 6.22 14.55
C ILE A 76 -14.35 6.99 14.42
N TRP A 77 -14.03 7.85 15.40
CA TRP A 77 -12.77 8.60 15.39
C TRP A 77 -11.93 8.02 16.52
N PHE A 78 -10.78 7.44 16.16
CA PHE A 78 -9.86 6.85 17.15
C PHE A 78 -8.77 7.85 17.44
N LYS A 79 -8.67 8.30 18.70
CA LYS A 79 -7.62 9.25 19.10
C LYS A 79 -7.37 9.11 20.60
N ASP A 80 -6.36 9.83 21.07
CA ASP A 80 -6.04 9.87 22.51
C ASP A 80 -5.98 8.49 23.13
N GLY A 81 -5.25 7.60 22.47
CA GLY A 81 -5.09 6.24 22.92
C GLY A 81 -4.05 6.06 24.00
N ASN A 82 -4.06 4.88 24.62
CA ASN A 82 -3.14 4.60 25.72
C ASN A 82 -3.02 3.09 25.94
N ARG A 83 -2.93 2.31 24.86
CA ARG A 83 -2.77 0.87 25.03
C ARG A 83 -1.41 0.62 25.69
N ALA A 84 -1.28 -0.53 26.34
CA ALA A 84 -0.06 -0.91 27.06
C ALA A 84 1.06 -1.24 26.08
N ILE A 85 2.16 -0.52 26.16
CA ILE A 85 3.24 -0.78 25.22
C ILE A 85 3.82 -2.20 25.32
N GLN A 86 3.73 -2.84 26.49
CA GLN A 86 4.25 -4.19 26.64
C GLN A 86 3.26 -5.25 26.18
N ALA A 87 2.08 -4.83 25.73
CA ALA A 87 1.02 -5.76 25.33
C ALA A 87 0.67 -5.86 23.86
N TRP A 88 1.31 -5.07 23.01
CA TRP A 88 1.01 -5.09 21.59
C TRP A 88 2.30 -5.23 20.81
N LYS A 89 2.23 -5.91 19.65
CA LYS A 89 3.43 -6.10 18.82
C LYS A 89 3.20 -5.89 17.34
N SER A 90 4.26 -5.55 16.63
CA SER A 90 4.16 -5.47 15.19
C SER A 90 3.92 -6.93 14.81
N HIS A 91 3.19 -7.15 13.72
CA HIS A 91 2.84 -8.49 13.22
C HIS A 91 1.74 -9.15 14.03
N GLY A 92 1.16 -8.39 14.95
CA GLY A 92 0.05 -8.91 15.74
C GLY A 92 -1.26 -8.30 15.25
N PRO A 93 -2.33 -8.42 16.03
CA PRO A 93 -3.60 -7.83 15.58
C PRO A 93 -3.53 -6.30 15.60
N GLY A 94 -4.32 -5.67 14.75
CA GLY A 94 -4.36 -4.21 14.75
C GLY A 94 -5.28 -3.67 15.84
N LEU A 95 -5.27 -2.36 16.00
CA LEU A 95 -6.13 -1.65 16.95
C LEU A 95 -7.52 -2.14 16.62
N VAL A 96 -7.82 -2.19 15.32
CA VAL A 96 -9.08 -2.80 14.87
C VAL A 96 -8.57 -4.07 14.20
N ALA A 97 -9.00 -5.24 14.68
CA ALA A 97 -8.58 -6.52 14.12
C ALA A 97 -9.82 -7.21 13.54
N ILE A 98 -9.76 -7.54 12.25
CA ILE A 98 -10.90 -8.19 11.57
C ILE A 98 -10.60 -9.67 11.42
N TYR A 99 -11.32 -10.50 12.19
CA TYR A 99 -11.14 -11.95 12.15
C TYR A 99 -12.16 -12.69 11.32
N GLY A 100 -13.26 -12.05 10.96
CA GLY A 100 -14.29 -12.71 10.17
C GLY A 100 -14.36 -12.18 8.76
N SER A 101 -15.00 -12.94 7.88
CA SER A 101 -15.12 -12.53 6.49
C SER A 101 -16.31 -11.59 6.23
N TYR A 102 -16.33 -10.99 5.04
CA TYR A 102 -17.39 -10.08 4.61
C TYR A 102 -17.65 -8.92 5.58
N ASN A 103 -16.56 -8.36 6.12
CA ASN A 103 -16.67 -7.25 7.06
C ASN A 103 -16.16 -5.97 6.40
N ARG A 104 -16.70 -4.84 6.83
CA ARG A 104 -16.32 -3.54 6.27
C ARG A 104 -16.09 -2.50 7.37
N ILE A 105 -15.02 -1.73 7.24
CA ILE A 105 -14.76 -0.65 8.18
C ILE A 105 -14.73 0.55 7.24
N THR A 106 -15.62 1.51 7.48
CA THR A 106 -15.72 2.65 6.60
C THR A 106 -15.91 3.97 7.32
N ALA A 107 -15.41 5.03 6.70
CA ALA A 107 -15.55 6.38 7.22
C ALA A 107 -15.10 6.55 8.67
N CYS A 108 -13.94 5.98 8.97
CA CYS A 108 -13.31 6.07 10.30
C CYS A 108 -12.01 6.85 10.22
N VAL A 109 -11.65 7.48 11.33
CA VAL A 109 -10.46 8.29 11.44
C VAL A 109 -9.54 7.68 12.48
N PHE A 110 -8.26 7.53 12.12
CA PHE A 110 -7.24 7.00 13.03
C PHE A 110 -6.16 8.09 12.99
N ASP A 111 -5.98 8.78 14.13
CA ASP A 111 -5.04 9.89 14.17
C ASP A 111 -4.10 9.86 15.37
N CYS A 112 -2.82 9.54 15.11
CA CYS A 112 -1.77 9.46 16.14
C CYS A 112 -2.36 8.80 17.38
N PHE A 113 -2.85 7.59 17.20
CA PHE A 113 -3.57 6.94 18.29
C PHE A 113 -2.83 6.80 19.60
N ASP A 114 -1.72 6.09 19.60
CA ASP A 114 -0.98 5.93 20.85
C ASP A 114 0.44 5.50 20.60
N GLU A 115 1.08 4.93 21.61
CA GLU A 115 2.48 4.52 21.48
C GLU A 115 2.69 3.01 21.42
N ALA A 116 1.61 2.26 21.31
CA ALA A 116 1.71 0.80 21.26
C ALA A 116 1.92 0.34 19.83
N ASN A 117 2.93 -0.49 19.60
CA ASN A 117 3.25 -0.95 18.26
C ASN A 117 2.28 -2.00 17.72
N SER A 118 1.68 -1.70 16.58
CA SER A 118 0.72 -2.58 15.91
C SER A 118 0.18 -1.78 14.74
N ALA A 119 -0.56 -2.44 13.86
CA ALA A 119 -1.18 -1.73 12.74
C ALA A 119 -2.42 -1.06 13.29
N TYR A 120 -3.01 -0.18 12.50
CA TYR A 120 -4.25 0.47 12.91
C TYR A 120 -5.41 -0.49 12.54
N ILE A 121 -5.30 -1.18 11.39
CA ILE A 121 -6.33 -2.18 11.04
C ILE A 121 -5.65 -3.42 10.47
N THR A 122 -6.12 -4.60 10.84
CA THR A 122 -5.59 -5.82 10.25
C THR A 122 -6.74 -6.76 9.93
N THR A 123 -6.51 -7.66 8.96
CA THR A 123 -7.47 -8.76 8.79
C THR A 123 -6.54 -9.80 9.43
N SER A 124 -7.03 -10.54 10.42
CA SER A 124 -6.21 -11.48 11.18
C SER A 124 -6.73 -12.90 11.23
N LEU A 125 -5.82 -13.87 11.23
CA LEU A 125 -6.25 -15.27 11.30
C LEU A 125 -6.66 -15.59 12.73
N THR A 126 -7.69 -16.42 12.87
CA THR A 126 -8.12 -16.85 14.20
C THR A 126 -7.12 -17.94 14.63
N GLU A 127 -7.16 -18.34 15.90
CA GLU A 127 -6.22 -19.35 16.37
C GLU A 127 -6.26 -20.66 15.62
N ASP A 128 -7.42 -21.01 15.05
CA ASP A 128 -7.54 -22.26 14.32
C ASP A 128 -7.10 -22.11 12.86
N GLY A 129 -6.50 -20.97 12.54
CA GLY A 129 -6.00 -20.73 11.21
C GLY A 129 -6.97 -20.27 10.12
N LYS A 130 -8.21 -19.95 10.47
CA LYS A 130 -9.14 -19.49 9.43
C LYS A 130 -8.74 -18.09 8.96
N VAL A 131 -8.75 -17.90 7.65
CA VAL A 131 -8.36 -16.64 7.03
C VAL A 131 -9.54 -15.80 6.58
N PRO A 132 -9.65 -14.54 7.06
CA PRO A 132 -10.78 -13.67 6.66
C PRO A 132 -10.69 -13.37 5.17
N GLN A 133 -11.82 -13.29 4.50
CA GLN A 133 -11.80 -12.99 3.07
C GLN A 133 -12.91 -11.98 2.79
N HIS A 134 -12.84 -11.37 1.59
CA HIS A 134 -13.88 -10.46 1.13
C HIS A 134 -14.23 -9.31 2.07
N CYS A 135 -13.23 -8.71 2.69
CA CYS A 135 -13.49 -7.57 3.55
C CYS A 135 -13.20 -6.29 2.80
N ARG A 136 -13.65 -5.16 3.35
CA ARG A 136 -13.39 -3.88 2.71
C ARG A 136 -13.03 -2.83 3.75
N ILE A 137 -12.00 -2.03 3.45
CA ILE A 137 -11.57 -0.93 4.30
C ILE A 137 -11.66 0.26 3.35
N ASP A 138 -12.55 1.21 3.63
CA ASP A 138 -12.72 2.34 2.73
C ASP A 138 -13.06 3.66 3.39
N HIS A 139 -12.73 4.74 2.71
CA HIS A 139 -13.01 6.09 3.20
C HIS A 139 -12.55 6.29 4.63
N CYS A 140 -11.38 5.74 4.95
CA CYS A 140 -10.78 5.90 6.28
C CYS A 140 -9.55 6.80 6.15
N SER A 141 -9.23 7.55 7.20
CA SER A 141 -8.08 8.43 7.21
C SER A 141 -7.09 7.91 8.25
N PHE A 142 -5.83 7.76 7.87
CA PHE A 142 -4.77 7.26 8.75
C PHE A 142 -3.64 8.27 8.78
N THR A 143 -3.53 9.01 9.87
CA THR A 143 -2.53 10.06 9.94
C THR A 143 -1.69 10.05 11.21
N ASP A 144 -0.46 10.53 11.06
CA ASP A 144 0.48 10.68 12.15
C ASP A 144 0.71 9.43 13.00
N LYS A 145 0.81 8.27 12.34
CA LYS A 145 1.06 7.03 13.07
C LYS A 145 2.51 7.10 13.57
N ILE A 146 2.71 7.00 14.88
CA ILE A 146 4.05 7.13 15.46
C ILE A 146 4.56 5.82 16.03
N THR A 147 3.95 4.74 15.59
CA THR A 147 4.30 3.41 16.06
C THR A 147 4.75 2.49 14.93
N PHE A 148 5.46 1.43 15.30
CA PHE A 148 5.95 0.47 14.33
C PHE A 148 4.83 -0.39 13.77
N ASP A 149 5.14 -1.05 12.65
CA ASP A 149 4.23 -1.90 11.88
C ASP A 149 3.51 -1.01 10.86
N GLN A 150 2.93 -1.67 9.86
CA GLN A 150 2.17 -1.01 8.82
C GLN A 150 0.93 -0.34 9.38
N VAL A 151 0.33 0.52 8.56
CA VAL A 151 -0.93 1.12 8.93
C VAL A 151 -1.99 0.01 8.85
N ILE A 152 -1.94 -0.77 7.77
CA ILE A 152 -2.87 -1.89 7.53
C ILE A 152 -2.08 -3.16 7.12
N ASN A 153 -2.40 -4.30 7.74
CA ASN A 153 -1.81 -5.58 7.34
C ASN A 153 -3.00 -6.44 6.92
N LEU A 154 -2.93 -7.07 5.74
CA LEU A 154 -3.97 -7.99 5.26
C LEU A 154 -3.26 -9.36 5.29
N ASN A 155 -3.62 -10.18 6.28
CA ASN A 155 -2.96 -11.47 6.49
C ASN A 155 -3.66 -12.73 6.02
N ASN A 156 -2.89 -13.61 5.36
CA ASN A 156 -3.43 -14.90 4.97
C ASN A 156 -2.58 -16.07 5.49
N THR A 157 -1.57 -15.75 6.29
CA THR A 157 -0.73 -16.74 6.94
C THR A 157 -0.21 -16.15 8.26
N ALA A 158 0.12 -17.03 9.19
CA ALA A 158 0.69 -16.59 10.47
C ALA A 158 2.16 -16.32 10.15
N ARG A 159 2.75 -15.35 10.85
CA ARG A 159 4.16 -15.03 10.58
C ARG A 159 5.04 -16.24 10.92
N ALA A 160 5.99 -16.54 10.04
CA ALA A 160 6.91 -17.67 10.26
C ALA A 160 8.15 -17.45 9.43
N ILE A 161 9.28 -18.02 9.86
CA ILE A 161 10.53 -17.87 9.10
C ILE A 161 10.37 -18.50 7.69
N LYS A 162 9.24 -19.18 7.53
CA LYS A 162 8.76 -19.80 6.30
C LYS A 162 9.67 -20.43 5.24
N ASP A 163 9.10 -20.55 4.04
CA ASP A 163 9.70 -21.08 2.82
C ASP A 163 9.27 -22.51 2.38
N GLY A 164 8.04 -22.88 2.72
CA GLY A 164 7.52 -24.18 2.29
C GLY A 164 6.59 -23.85 1.13
N SER A 165 6.61 -24.63 0.05
CA SER A 165 5.78 -24.33 -1.13
C SER A 165 4.31 -23.98 -0.83
N VAL A 166 3.85 -24.25 0.39
CA VAL A 166 2.49 -23.94 0.79
C VAL A 166 2.35 -22.44 1.02
N GLY A 167 1.31 -21.83 0.46
CA GLY A 167 1.11 -20.40 0.65
C GLY A 167 -0.28 -20.10 1.17
N GLY A 168 -0.51 -18.88 1.62
CA GLY A 168 -1.83 -18.53 2.12
C GLY A 168 -2.85 -18.42 1.01
N PRO A 169 -4.13 -18.62 1.33
CA PRO A 169 -5.21 -18.54 0.34
C PRO A 169 -5.58 -17.12 -0.10
N ALA A 170 -6.15 -17.00 -1.29
CA ALA A 170 -6.59 -15.72 -1.82
C ALA A 170 -7.53 -15.03 -0.80
N MET A 171 -7.37 -13.73 -0.63
CA MET A 171 -8.18 -12.96 0.33
C MET A 171 -9.36 -12.19 -0.23
N TYR A 172 -9.19 -11.63 -1.43
CA TYR A 172 -10.27 -10.86 -2.08
C TYR A 172 -10.76 -9.65 -1.27
N HIS A 173 -9.86 -8.95 -0.61
CA HIS A 173 -10.24 -7.74 0.13
C HIS A 173 -10.12 -6.56 -0.80
N ARG A 174 -10.64 -5.42 -0.38
CA ARG A 174 -10.50 -4.18 -1.14
C ARG A 174 -10.16 -3.08 -0.15
N VAL A 175 -9.17 -2.26 -0.49
CA VAL A 175 -8.84 -1.09 0.33
C VAL A 175 -8.99 0.05 -0.69
N ASP A 176 -9.95 0.93 -0.45
CA ASP A 176 -10.20 2.01 -1.37
C ASP A 176 -10.59 3.31 -0.67
N HIS A 177 -10.30 4.42 -1.35
CA HIS A 177 -10.62 5.73 -0.85
C HIS A 177 -10.11 6.02 0.54
N CYS A 178 -8.90 5.54 0.82
CA CYS A 178 -8.31 5.81 2.12
C CYS A 178 -7.20 6.85 1.95
N PHE A 179 -6.91 7.57 3.05
CA PHE A 179 -5.89 8.63 3.05
C PHE A 179 -4.79 8.19 3.99
N PHE A 180 -3.55 8.27 3.52
CA PHE A 180 -2.41 7.88 4.34
C PHE A 180 -1.33 8.96 4.38
N SER A 181 -0.98 9.46 5.56
CA SER A 181 0.09 10.46 5.69
C SER A 181 0.70 10.21 7.05
N ASN A 182 1.92 9.69 7.07
CA ASN A 182 2.57 9.29 8.33
C ASN A 182 4.07 9.56 8.30
N PRO A 183 4.65 9.92 9.45
CA PRO A 183 6.08 10.24 9.56
C PRO A 183 7.09 9.11 9.41
N GLN A 184 8.30 9.47 9.02
CA GLN A 184 9.35 8.49 8.80
C GLN A 184 9.95 7.90 10.07
N LYS A 185 9.92 6.57 10.15
CA LYS A 185 10.48 5.80 11.24
C LYS A 185 11.83 5.26 10.77
N PRO A 186 12.67 4.78 11.70
CA PRO A 186 13.96 4.25 11.30
C PRO A 186 13.91 2.76 10.87
N GLY A 187 14.74 2.40 9.89
CA GLY A 187 14.82 1.02 9.46
C GLY A 187 13.60 0.35 8.86
N ASN A 188 13.50 -0.96 9.06
CA ASN A 188 12.38 -1.74 8.54
C ASN A 188 11.24 -1.59 9.55
N ALA A 189 10.65 -0.40 9.54
CA ALA A 189 9.65 -0.03 10.52
C ALA A 189 8.17 -0.27 10.30
N GLY A 190 7.79 -0.78 9.13
CA GLY A 190 6.37 -0.98 8.85
C GLY A 190 5.90 0.22 8.05
N GLY A 191 5.32 -0.02 6.87
CA GLY A 191 4.88 1.07 6.02
C GLY A 191 3.40 1.39 5.99
N GLY A 192 2.85 1.56 4.80
CA GLY A 192 1.43 1.86 4.67
C GLY A 192 0.59 0.59 4.72
N ILE A 193 0.74 -0.26 3.72
CA ILE A 193 -0.02 -1.51 3.67
C ILE A 193 0.87 -2.70 3.36
N ARG A 194 0.63 -3.84 4.03
CA ARG A 194 1.35 -5.07 3.70
C ARG A 194 0.23 -6.06 3.32
N ILE A 195 0.43 -6.83 2.27
CA ILE A 195 -0.55 -7.84 1.87
C ILE A 195 0.18 -9.17 1.72
N GLY A 196 -0.07 -10.10 2.63
CA GLY A 196 0.61 -11.40 2.56
C GLY A 196 2.01 -11.32 3.17
N TYR A 197 2.77 -12.41 3.06
CA TYR A 197 4.13 -12.44 3.58
C TYR A 197 5.21 -12.97 2.64
N TYR A 198 4.89 -13.99 1.85
CA TYR A 198 5.89 -14.61 0.97
C TYR A 198 5.33 -14.96 -0.40
N ARG A 199 6.22 -15.29 -1.34
CA ARG A 199 5.79 -15.49 -2.70
C ARG A 199 4.77 -16.55 -3.01
N ASN A 200 4.61 -17.57 -2.18
CA ASN A 200 3.60 -18.59 -2.44
C ASN A 200 2.20 -18.16 -2.05
N ASP A 201 2.10 -17.05 -1.31
CA ASP A 201 0.82 -16.54 -0.88
C ASP A 201 0.05 -15.92 -2.04
N ILE A 202 -1.25 -16.15 -2.08
CA ILE A 202 -2.12 -15.60 -3.12
C ILE A 202 -2.92 -14.47 -2.48
N GLY A 203 -2.90 -13.29 -3.09
CA GLY A 203 -3.62 -12.17 -2.51
C GLY A 203 -4.98 -11.88 -3.14
N ARG A 204 -4.96 -11.49 -4.42
CA ARG A 204 -6.15 -11.14 -5.15
C ARG A 204 -6.95 -10.05 -4.42
N CYS A 205 -6.21 -9.10 -3.88
CA CYS A 205 -6.80 -7.96 -3.20
C CYS A 205 -6.78 -6.77 -4.18
N LEU A 206 -7.81 -5.94 -4.10
CA LEU A 206 -7.90 -4.75 -4.94
C LEU A 206 -7.62 -3.54 -4.07
N VAL A 207 -6.63 -2.72 -4.44
CA VAL A 207 -6.25 -1.53 -3.68
C VAL A 207 -6.42 -0.43 -4.73
N ASP A 208 -7.51 0.33 -4.61
CA ASP A 208 -7.75 1.37 -5.60
C ASP A 208 -8.22 2.70 -5.05
N SER A 209 -7.91 3.76 -5.79
CA SER A 209 -8.35 5.09 -5.43
C SER A 209 -8.00 5.53 -4.02
N ASN A 210 -6.78 5.25 -3.59
CA ASN A 210 -6.32 5.71 -2.28
C ASN A 210 -5.36 6.86 -2.53
N LEU A 211 -5.24 7.73 -1.53
CA LEU A 211 -4.32 8.85 -1.62
C LEU A 211 -3.28 8.72 -0.52
N PHE A 212 -2.04 8.50 -0.95
CA PHE A 212 -0.89 8.41 -0.03
C PHE A 212 -0.18 9.78 -0.22
N MET A 213 -0.19 10.61 0.83
CA MET A 213 0.40 11.96 0.75
C MET A 213 1.40 12.03 1.89
N ARG A 214 2.68 12.07 1.52
CA ARG A 214 3.74 12.01 2.51
C ARG A 214 3.55 10.77 3.40
N GLN A 215 3.25 9.63 2.76
CA GLN A 215 3.19 8.35 3.45
C GLN A 215 4.69 8.06 3.46
N ASP A 216 5.34 8.38 4.58
CA ASP A 216 6.80 8.26 4.70
C ASP A 216 7.28 7.27 5.75
N SER A 217 6.37 6.47 6.29
CA SER A 217 6.74 5.55 7.38
C SER A 217 8.06 4.83 7.25
N GLU A 218 8.30 4.24 6.08
CA GLU A 218 9.56 3.53 5.86
C GLU A 218 9.78 3.42 4.36
N ALA A 219 10.79 2.66 3.95
CA ALA A 219 11.08 2.55 2.53
C ALA A 219 9.91 2.08 1.67
N GLU A 220 9.05 1.23 2.24
CA GLU A 220 7.94 0.69 1.44
C GLU A 220 6.62 1.35 1.75
N ILE A 221 6.04 2.01 0.73
CA ILE A 221 4.74 2.66 0.88
C ILE A 221 3.75 1.50 1.05
N ILE A 222 3.85 0.56 0.12
CA ILE A 222 3.06 -0.66 0.18
C ILE A 222 4.05 -1.80 -0.04
N THR A 223 4.01 -2.83 0.82
CA THR A 223 4.87 -3.96 0.56
C THR A 223 3.87 -5.08 0.23
N SER A 224 3.67 -5.28 -1.09
CA SER A 224 2.73 -6.28 -1.60
C SER A 224 3.52 -7.60 -1.64
N LYS A 225 3.16 -8.49 -0.72
CA LYS A 225 3.84 -9.76 -0.52
C LYS A 225 2.98 -10.97 -0.80
N SER A 226 2.25 -10.91 -1.91
CA SER A 226 1.41 -12.02 -2.35
C SER A 226 1.08 -11.84 -3.83
N GLN A 227 0.70 -12.93 -4.47
CA GLN A 227 0.39 -12.90 -5.89
C GLN A 227 -0.93 -12.26 -6.23
N GLU A 228 -0.99 -11.77 -7.46
CA GLU A 228 -2.22 -11.25 -8.04
C GLU A 228 -3.03 -10.18 -7.36
N ASN A 229 -2.35 -9.24 -6.73
CA ASN A 229 -3.03 -8.09 -6.15
C ASN A 229 -3.06 -7.08 -7.27
N VAL A 230 -4.09 -6.24 -7.28
CA VAL A 230 -4.26 -5.24 -8.32
C VAL A 230 -4.30 -3.87 -7.67
N TYR A 231 -3.40 -3.00 -8.10
CA TYR A 231 -3.30 -1.63 -7.60
C TYR A 231 -3.73 -0.74 -8.75
N TYR A 232 -4.92 -0.15 -8.60
CA TYR A 232 -5.49 0.68 -9.65
C TYR A 232 -5.91 2.07 -9.21
N GLY A 233 -5.45 3.08 -9.94
CA GLY A 233 -5.85 4.45 -9.67
C GLY A 233 -5.54 5.04 -8.31
N ASN A 234 -4.40 4.68 -7.75
CA ASN A 234 -3.98 5.24 -6.48
C ASN A 234 -3.07 6.43 -6.77
N THR A 235 -3.05 7.41 -5.88
CA THR A 235 -2.17 8.57 -6.02
C THR A 235 -1.16 8.54 -4.89
N TYR A 236 0.12 8.70 -5.24
CA TYR A 236 1.22 8.71 -4.28
C TYR A 236 1.87 10.05 -4.49
N LEU A 237 1.59 10.96 -3.56
CA LEU A 237 2.10 12.33 -3.63
C LEU A 237 3.17 12.60 -2.59
N ASN A 238 4.35 12.98 -3.07
CA ASN A 238 5.49 13.29 -2.19
C ASN A 238 5.69 12.22 -1.09
N CYS A 239 5.75 10.96 -1.51
CA CYS A 239 5.96 9.88 -0.53
C CYS A 239 7.41 9.47 -0.50
N GLN A 240 7.99 9.41 0.70
CA GLN A 240 9.38 9.00 0.84
C GLN A 240 9.43 7.47 0.88
N GLY A 241 9.25 6.86 -0.28
CA GLY A 241 9.27 5.42 -0.36
C GLY A 241 8.84 4.98 -1.74
N THR A 242 8.67 3.68 -1.93
CA THR A 242 8.23 3.17 -3.22
C THR A 242 7.09 2.18 -2.99
N MET A 243 6.22 2.03 -4.00
CA MET A 243 5.13 1.08 -3.92
C MET A 243 5.80 -0.18 -4.48
N ASN A 244 5.75 -1.26 -3.71
CA ASN A 244 6.49 -2.45 -4.09
C ASN A 244 5.77 -3.77 -4.37
N PHE A 245 6.24 -4.48 -5.41
CA PHE A 245 5.78 -5.83 -5.68
C PHE A 245 6.96 -6.54 -5.00
N ARG A 246 6.87 -6.76 -3.68
CA ARG A 246 7.97 -7.31 -2.91
C ARG A 246 8.14 -8.83 -3.01
N HIS A 247 7.04 -9.56 -2.83
CA HIS A 247 7.03 -11.03 -2.97
C HIS A 247 5.79 -11.40 -3.75
N GLY A 248 5.88 -12.44 -4.57
CA GLY A 248 4.70 -12.86 -5.31
C GLY A 248 4.72 -12.39 -6.76
N ASP A 249 4.62 -13.35 -7.67
CA ASP A 249 4.61 -13.04 -9.09
C ASP A 249 3.21 -12.65 -9.52
N HIS A 250 3.12 -12.19 -10.76
CA HIS A 250 1.86 -11.81 -11.39
C HIS A 250 1.03 -10.78 -10.64
N GLN A 251 1.65 -9.65 -10.34
CA GLN A 251 0.93 -8.56 -9.68
C GLN A 251 0.63 -7.48 -10.72
N VAL A 252 -0.36 -6.64 -10.44
CA VAL A 252 -0.79 -5.62 -11.39
C VAL A 252 -0.84 -4.21 -10.85
N ALA A 253 -0.29 -3.25 -11.59
CA ALA A 253 -0.37 -1.85 -11.18
C ALA A 253 -0.76 -1.09 -12.43
N ILE A 254 -1.97 -0.52 -12.42
CA ILE A 254 -2.47 0.22 -13.57
C ILE A 254 -2.99 1.60 -13.19
N ASN A 255 -2.61 2.58 -13.99
CA ASN A 255 -3.08 3.93 -13.85
C ASN A 255 -2.92 4.57 -12.46
N ASN A 256 -1.77 4.35 -11.83
CA ASN A 256 -1.49 4.99 -10.54
C ASN A 256 -0.67 6.22 -10.89
N PHE A 257 -0.71 7.21 -10.01
CA PHE A 257 0.04 8.46 -10.18
C PHE A 257 1.12 8.55 -9.12
N TYR A 258 2.36 8.74 -9.54
CA TYR A 258 3.50 8.88 -8.63
C TYR A 258 4.05 10.27 -8.88
N ILE A 259 3.71 11.16 -7.96
CA ILE A 259 4.05 12.57 -8.08
C ILE A 259 4.95 13.09 -6.96
N GLY A 260 5.99 13.81 -7.33
CA GLY A 260 6.89 14.43 -6.37
C GLY A 260 6.91 15.87 -6.85
N ASN A 261 6.48 16.83 -6.04
CA ASN A 261 6.44 18.20 -6.55
C ASN A 261 7.22 19.28 -5.81
N ASP A 262 8.19 18.86 -5.00
CA ASP A 262 9.06 19.83 -4.34
C ASP A 262 10.42 19.17 -4.16
N GLN A 263 11.38 19.86 -3.56
CA GLN A 263 12.73 19.30 -3.40
C GLN A 263 13.04 18.91 -1.95
N ARG A 264 12.01 18.76 -1.13
CA ARG A 264 12.24 18.47 0.26
C ARG A 264 12.88 17.12 0.58
N PHE A 265 12.46 16.08 -0.15
CA PHE A 265 12.99 14.73 0.07
C PHE A 265 12.98 13.99 -1.26
N GLY A 266 13.56 12.79 -1.28
CA GLY A 266 13.51 11.98 -2.48
C GLY A 266 12.16 11.24 -2.38
N TYR A 267 11.50 11.08 -3.52
CA TYR A 267 10.19 10.45 -3.59
C TYR A 267 10.15 9.29 -4.56
N GLY A 268 9.11 8.45 -4.45
CA GLY A 268 8.98 7.31 -5.34
C GLY A 268 7.53 7.18 -5.82
N GLY A 269 7.24 6.26 -6.74
CA GLY A 269 8.22 5.36 -7.32
C GLY A 269 7.76 3.93 -7.06
N MET A 270 8.31 2.98 -7.81
CA MET A 270 7.96 1.56 -7.65
C MET A 270 9.22 0.70 -7.65
N PHE A 271 9.31 -0.26 -6.73
CA PHE A 271 10.47 -1.19 -6.72
C PHE A 271 9.80 -2.54 -6.94
N VAL A 272 10.26 -3.23 -7.98
CA VAL A 272 9.65 -4.50 -8.40
C VAL A 272 10.55 -5.74 -8.34
N TRP A 273 10.08 -6.76 -7.63
CA TRP A 273 10.75 -8.05 -7.53
C TRP A 273 9.82 -9.03 -8.24
N GLY A 274 10.35 -10.15 -8.74
CA GLY A 274 9.48 -11.11 -9.37
C GLY A 274 9.10 -10.95 -10.83
N SER A 275 8.34 -11.92 -11.34
CA SER A 275 7.95 -11.94 -12.74
C SER A 275 6.45 -11.97 -13.02
N ARG A 276 6.15 -11.92 -14.33
CA ARG A 276 4.78 -11.99 -14.87
C ARG A 276 3.86 -10.83 -14.48
N HIS A 277 4.45 -9.70 -14.11
CA HIS A 277 3.65 -8.55 -13.69
C HIS A 277 3.09 -7.78 -14.87
N VAL A 278 2.11 -6.93 -14.57
CA VAL A 278 1.50 -6.05 -15.55
C VAL A 278 1.58 -4.67 -14.91
N ILE A 279 2.45 -3.82 -15.46
CA ILE A 279 2.68 -2.46 -14.94
C ILE A 279 2.37 -1.57 -16.14
N ALA A 280 1.18 -0.97 -16.11
CA ALA A 280 0.70 -0.19 -17.24
C ALA A 280 -0.05 1.08 -16.89
N CYS A 281 0.01 2.05 -17.80
CA CYS A 281 -0.68 3.32 -17.67
C CYS A 281 -0.41 4.09 -16.39
N ASN A 282 0.76 3.90 -15.79
CA ASN A 282 1.12 4.61 -14.58
C ASN A 282 1.82 5.89 -15.01
N TYR A 283 1.66 6.93 -14.22
CA TYR A 283 2.25 8.24 -14.49
C TYR A 283 3.25 8.57 -13.40
N PHE A 284 4.49 8.83 -13.81
CA PHE A 284 5.59 9.15 -12.88
C PHE A 284 6.14 10.53 -13.20
N GLU A 285 6.00 11.47 -12.26
CA GLU A 285 6.57 12.81 -12.42
C GLU A 285 7.14 13.12 -11.05
N LEU A 286 8.43 12.81 -10.90
CA LEU A 286 9.13 12.95 -9.61
C LEU A 286 10.23 14.00 -9.59
N SER A 287 9.98 15.10 -8.90
CA SER A 287 10.93 16.21 -8.80
C SER A 287 12.25 15.84 -8.14
N GLU A 288 12.22 14.79 -7.32
CA GLU A 288 13.41 14.28 -6.65
C GLU A 288 13.19 12.77 -6.45
N THR A 289 14.24 11.98 -6.65
CA THR A 289 14.13 10.55 -6.44
C THR A 289 14.97 10.13 -5.25
N ILE A 290 14.85 8.86 -4.87
CA ILE A 290 15.51 8.36 -3.68
C ILE A 290 16.95 7.86 -3.87
N LYS A 291 17.90 8.60 -3.31
CA LYS A 291 19.30 8.23 -3.43
C LYS A 291 19.63 6.81 -3.01
N SER A 292 19.14 6.39 -1.84
CA SER A 292 19.48 5.07 -1.32
C SER A 292 19.03 3.90 -2.21
N ARG A 293 17.99 4.11 -3.01
CA ARG A 293 17.47 3.06 -3.88
C ARG A 293 18.14 3.07 -5.26
N GLY A 294 18.70 4.21 -5.64
CA GLY A 294 19.34 4.34 -6.93
C GLY A 294 18.85 5.50 -7.80
N ASN A 295 18.04 6.41 -7.24
CA ASN A 295 17.51 7.60 -7.95
C ASN A 295 16.73 7.31 -9.23
N ALA A 296 15.58 6.66 -9.09
CA ALA A 296 14.77 6.34 -10.26
C ALA A 296 13.28 6.34 -9.96
N ALA A 297 12.46 6.25 -11.02
CA ALA A 297 11.02 6.18 -10.90
C ALA A 297 10.60 4.71 -10.74
N LEU A 298 11.09 3.86 -11.64
CA LEU A 298 10.79 2.44 -11.62
C LEU A 298 12.09 1.65 -11.45
N TYR A 299 12.15 0.86 -10.38
CA TYR A 299 13.33 0.06 -10.05
C TYR A 299 13.05 -1.43 -10.30
N LEU A 300 13.85 -2.07 -11.16
CA LEU A 300 13.64 -3.49 -11.46
C LEU A 300 14.72 -4.32 -10.78
N ASN A 301 14.29 -5.12 -9.83
CA ASN A 301 15.21 -5.90 -9.01
C ASN A 301 16.10 -6.96 -9.64
N PRO A 302 17.42 -6.88 -9.38
CA PRO A 302 18.34 -7.87 -9.92
C PRO A 302 18.50 -8.92 -8.81
N GLY A 303 18.84 -10.16 -9.17
CA GLY A 303 18.99 -11.17 -8.13
C GLY A 303 18.72 -12.57 -8.63
N ALA A 304 18.41 -13.47 -7.71
CA ALA A 304 18.14 -14.86 -8.04
C ALA A 304 16.66 -15.08 -8.28
N MET A 305 16.37 -15.86 -9.32
CA MET A 305 14.99 -16.13 -9.69
C MET A 305 14.21 -16.79 -8.57
N ALA A 306 13.01 -16.25 -8.33
CA ALA A 306 12.09 -16.76 -7.31
C ALA A 306 12.66 -16.91 -5.91
N SER A 307 13.64 -16.08 -5.55
CA SER A 307 14.27 -16.15 -4.24
C SER A 307 13.62 -15.14 -3.29
N GLU A 308 14.26 -14.93 -2.14
CA GLU A 308 13.82 -13.98 -1.12
C GLU A 308 13.91 -12.55 -1.70
N HIS A 309 14.73 -12.39 -2.73
CA HIS A 309 14.88 -11.11 -3.43
C HIS A 309 14.79 -11.52 -4.89
N ALA A 310 13.58 -11.95 -5.26
CA ALA A 310 13.32 -12.46 -6.60
C ALA A 310 13.63 -11.53 -7.76
N LEU A 311 14.36 -12.08 -8.71
CA LEU A 311 14.71 -11.40 -9.95
C LEU A 311 13.47 -10.83 -10.62
N ALA A 312 13.58 -9.61 -11.12
CA ALA A 312 12.49 -8.99 -11.84
C ALA A 312 12.73 -9.34 -13.31
N PHE A 313 11.84 -10.13 -13.92
CA PHE A 313 11.97 -10.50 -15.33
C PHE A 313 10.62 -10.95 -15.90
N ASP A 314 10.55 -11.12 -17.22
CA ASP A 314 9.33 -11.58 -17.90
C ASP A 314 8.05 -10.86 -17.47
N MET A 315 7.98 -9.57 -17.77
CA MET A 315 6.78 -8.81 -17.42
C MET A 315 6.51 -7.76 -18.48
N LEU A 316 5.29 -7.21 -18.42
CA LEU A 316 4.83 -6.20 -19.37
C LEU A 316 4.86 -4.83 -18.71
N ILE A 317 5.58 -3.89 -19.32
CA ILE A 317 5.68 -2.51 -18.83
C ILE A 317 5.14 -1.76 -20.03
N ALA A 318 3.88 -1.34 -19.93
CA ALA A 318 3.21 -0.71 -21.07
C ALA A 318 2.43 0.55 -20.82
N ASN A 319 2.46 1.43 -21.81
CA ASN A 319 1.71 2.67 -21.78
C ASN A 319 1.90 3.57 -20.58
N ASN A 320 3.05 3.46 -19.91
CA ASN A 320 3.33 4.31 -18.76
C ASN A 320 3.95 5.60 -19.32
N ALA A 321 3.97 6.63 -18.49
CA ALA A 321 4.57 7.90 -18.87
C ALA A 321 5.50 8.34 -17.73
N PHE A 322 6.72 8.69 -18.10
CA PHE A 322 7.73 9.16 -17.17
C PHE A 322 7.98 10.59 -17.66
N ILE A 323 7.44 11.54 -16.92
CA ILE A 323 7.49 12.96 -17.25
C ILE A 323 8.35 13.75 -16.28
N ASN A 324 9.47 14.28 -16.76
CA ASN A 324 10.35 15.07 -15.89
C ASN A 324 10.72 14.41 -14.56
N VAL A 325 11.18 13.16 -14.64
CA VAL A 325 11.62 12.45 -13.46
C VAL A 325 13.05 12.92 -13.22
N ASN A 326 13.35 13.35 -12.00
CA ASN A 326 14.69 13.79 -11.68
C ASN A 326 15.42 12.57 -11.17
N GLY A 327 15.73 11.69 -12.12
CA GLY A 327 16.42 10.44 -11.85
C GLY A 327 16.20 9.59 -13.09
N TYR A 328 16.62 8.33 -13.07
CA TYR A 328 16.39 7.46 -14.22
C TYR A 328 14.89 7.16 -14.30
N ALA A 329 14.36 7.00 -15.51
CA ALA A 329 12.96 6.62 -15.64
C ALA A 329 12.92 5.17 -15.13
N ILE A 330 13.83 4.34 -15.65
CA ILE A 330 13.88 2.95 -15.22
C ILE A 330 15.32 2.58 -14.89
N HIS A 331 15.51 1.96 -13.73
CA HIS A 331 16.83 1.51 -13.28
C HIS A 331 16.76 -0.01 -13.37
N PHE A 332 17.60 -0.60 -14.22
CA PHE A 332 17.57 -2.03 -14.46
C PHE A 332 18.44 -2.91 -13.55
N ASN A 333 19.09 -2.32 -12.56
CA ASN A 333 19.91 -3.12 -11.66
C ASN A 333 20.21 -2.46 -10.31
N PRO A 334 19.18 -1.89 -9.67
CA PRO A 334 19.39 -1.25 -8.37
C PRO A 334 19.87 -2.22 -7.28
N LEU A 335 20.71 -1.72 -6.36
CA LEU A 335 21.23 -2.49 -5.23
C LEU A 335 21.90 -3.78 -5.67
N ASP A 336 22.53 -3.79 -6.85
CA ASP A 336 23.12 -5.03 -7.32
C ASP A 336 24.25 -5.58 -6.45
N GLU A 337 25.03 -4.70 -5.80
CA GLU A 337 26.10 -5.20 -4.95
C GLU A 337 25.53 -5.98 -3.74
N ARG A 338 24.46 -5.49 -3.12
CA ARG A 338 23.87 -6.25 -2.00
C ARG A 338 23.27 -7.56 -2.47
N ARG A 339 22.66 -7.53 -3.66
CA ARG A 339 22.06 -8.74 -4.20
C ARG A 339 23.10 -9.81 -4.54
N LYS A 340 24.27 -9.39 -4.98
CA LYS A 340 25.33 -10.37 -5.27
C LYS A 340 25.78 -11.01 -3.96
N GLU A 341 25.79 -10.22 -2.89
CA GLU A 341 26.16 -10.75 -1.58
C GLU A 341 25.14 -11.78 -1.14
N TYR A 342 23.86 -11.46 -1.27
CA TYR A 342 22.79 -12.38 -0.89
C TYR A 342 22.88 -13.66 -1.71
N CYS A 343 23.16 -13.52 -3.01
CA CYS A 343 23.24 -14.71 -3.85
C CYS A 343 24.45 -15.57 -3.50
N ALA A 344 25.59 -14.93 -3.23
CA ALA A 344 26.79 -15.70 -2.87
C ALA A 344 26.60 -16.48 -1.57
N ALA A 345 26.00 -15.83 -0.57
CA ALA A 345 25.77 -16.46 0.71
C ALA A 345 24.87 -17.70 0.64
N ASN A 346 23.85 -17.64 -0.22
CA ASN A 346 22.92 -18.75 -0.31
C ASN A 346 23.18 -19.69 -1.47
N ARG A 347 24.28 -19.43 -2.16
CA ARG A 347 24.70 -20.21 -3.30
C ARG A 347 23.62 -20.21 -4.37
N LEU A 348 23.13 -19.01 -4.66
CA LEU A 348 22.10 -18.82 -5.66
C LEU A 348 22.71 -18.14 -6.87
N LYS A 349 22.01 -18.20 -7.99
CA LYS A 349 22.47 -17.62 -9.24
C LYS A 349 22.01 -16.17 -9.45
N PHE A 350 22.96 -15.24 -9.43
CA PHE A 350 22.62 -13.84 -9.62
C PHE A 350 22.38 -13.58 -11.10
N GLU A 351 21.26 -12.94 -11.40
CA GLU A 351 20.86 -12.59 -12.76
C GLU A 351 20.38 -11.15 -12.75
N THR A 352 20.20 -10.57 -13.94
CA THR A 352 19.73 -9.21 -14.06
C THR A 352 18.49 -9.22 -14.94
N PRO A 353 17.59 -8.24 -14.75
CA PRO A 353 16.33 -8.14 -15.51
C PRO A 353 16.42 -8.37 -17.00
N HIS A 354 15.56 -9.25 -17.50
CA HIS A 354 15.52 -9.58 -18.92
C HIS A 354 14.13 -10.05 -19.26
N GLN A 355 13.87 -10.24 -20.55
CA GLN A 355 12.57 -10.65 -21.03
C GLN A 355 11.46 -9.65 -20.70
N LEU A 356 11.84 -8.38 -20.58
CA LEU A 356 10.87 -7.35 -20.30
C LEU A 356 10.26 -6.90 -21.62
N MET A 357 8.94 -6.71 -21.65
CA MET A 357 8.27 -6.22 -22.85
C MET A 357 7.93 -4.78 -22.52
N LEU A 358 8.68 -3.85 -23.10
CA LEU A 358 8.45 -2.41 -22.88
C LEU A 358 7.71 -1.90 -24.10
N LYS A 359 6.41 -1.69 -23.94
CA LYS A 359 5.56 -1.28 -25.06
C LYS A 359 4.79 -0.01 -24.84
N GLY A 360 4.88 0.90 -25.80
CA GLY A 360 4.13 2.14 -25.73
C GLY A 360 4.35 3.11 -24.59
N ASN A 361 5.54 3.12 -24.02
CA ASN A 361 5.84 4.02 -22.91
C ASN A 361 6.35 5.35 -23.43
N LEU A 362 6.06 6.40 -22.69
CA LEU A 362 6.51 7.73 -23.05
C LEU A 362 7.56 8.16 -22.04
N PHE A 363 8.73 8.55 -22.52
CA PHE A 363 9.81 9.03 -21.66
C PHE A 363 10.07 10.43 -22.13
N PHE A 364 9.82 11.40 -21.26
CA PHE A 364 9.94 12.78 -21.67
C PHE A 364 10.55 13.64 -20.59
N LYS A 365 11.37 14.59 -21.00
CA LYS A 365 12.00 15.49 -20.06
C LYS A 365 12.25 16.82 -20.76
N ASP A 366 11.88 17.92 -20.09
CA ASP A 366 12.18 19.23 -20.66
C ASP A 366 12.68 20.15 -19.55
N LYS A 367 12.99 19.54 -18.39
CA LYS A 367 13.54 20.27 -17.26
C LYS A 367 15.01 19.86 -17.20
N PRO A 368 15.89 20.74 -16.69
CA PRO A 368 17.33 20.51 -16.57
C PRO A 368 17.91 19.44 -15.64
N TYR A 369 17.12 18.41 -15.31
CA TYR A 369 17.65 17.33 -14.45
C TYR A 369 18.77 16.66 -15.26
N VAL A 370 19.72 16.02 -14.58
CA VAL A 370 20.89 15.44 -15.27
C VAL A 370 20.89 13.97 -15.66
N TYR A 371 19.90 13.24 -15.19
CA TYR A 371 19.83 11.81 -15.46
C TYR A 371 19.32 11.34 -16.81
N PRO A 372 20.06 10.42 -17.44
CA PRO A 372 19.59 9.90 -18.72
C PRO A 372 18.36 9.08 -18.33
N PHE A 373 17.53 8.67 -19.27
CA PHE A 373 16.31 7.92 -18.95
C PHE A 373 16.53 6.55 -18.32
N PHE A 374 17.58 5.85 -18.73
CA PHE A 374 17.83 4.50 -18.24
C PHE A 374 19.23 4.20 -17.68
N LYS A 375 19.27 3.27 -16.73
CA LYS A 375 20.54 2.81 -16.17
C LYS A 375 20.53 1.29 -16.26
N ASP A 376 21.41 0.72 -17.07
CA ASP A 376 21.50 -0.74 -17.16
C ASP A 376 22.98 -1.08 -17.35
N ASP A 377 23.64 -1.36 -16.24
CA ASP A 377 25.06 -1.69 -16.24
C ASP A 377 25.33 -3.08 -16.77
N TYR A 378 24.27 -3.83 -17.05
CA TYR A 378 24.38 -5.20 -17.55
C TYR A 378 23.65 -5.34 -18.87
N PHE A 379 23.61 -4.27 -19.65
CA PHE A 379 22.91 -4.29 -20.93
C PHE A 379 23.44 -5.35 -21.88
N ILE A 380 22.51 -6.11 -22.45
CA ILE A 380 22.85 -7.14 -23.42
C ILE A 380 21.85 -7.01 -24.55
N ALA A 381 22.35 -6.81 -25.75
CA ALA A 381 21.49 -6.65 -26.93
C ALA A 381 20.44 -7.76 -27.03
N GLY A 382 19.19 -7.37 -27.21
CA GLY A 382 18.11 -8.33 -27.36
C GLY A 382 17.49 -8.98 -26.13
N LYS A 383 18.03 -8.74 -24.94
CA LYS A 383 17.48 -9.38 -23.74
C LYS A 383 16.06 -8.91 -23.41
N ASN A 384 15.75 -7.68 -23.82
CA ASN A 384 14.44 -7.07 -23.64
C ASN A 384 13.87 -6.67 -25.01
N SER A 385 12.57 -6.46 -25.05
CA SER A 385 11.88 -6.08 -26.27
C SER A 385 11.25 -4.68 -26.10
N TRP A 386 11.61 -3.76 -26.99
CA TRP A 386 11.10 -2.39 -26.96
C TRP A 386 10.28 -2.10 -28.22
N THR A 387 9.02 -1.72 -28.05
CA THR A 387 8.16 -1.43 -29.19
C THR A 387 7.20 -0.29 -28.89
N GLY A 388 7.12 0.65 -29.82
CA GLY A 388 6.18 1.74 -29.69
C GLY A 388 6.40 2.75 -28.60
N ASN A 389 7.61 2.80 -28.04
CA ASN A 389 7.90 3.78 -27.00
C ASN A 389 8.33 5.06 -27.68
N VAL A 390 8.34 6.15 -26.92
CA VAL A 390 8.83 7.42 -27.41
C VAL A 390 9.74 7.97 -26.33
N ALA A 391 10.92 8.45 -26.72
CA ALA A 391 11.85 8.98 -25.74
C ALA A 391 12.43 10.28 -26.25
N LEU A 392 12.32 11.33 -25.45
CA LEU A 392 12.88 12.60 -25.89
C LEU A 392 13.14 13.56 -24.76
N GLY A 393 14.27 14.26 -24.85
CA GLY A 393 14.62 15.23 -23.82
C GLY A 393 15.99 15.04 -23.21
N VAL A 394 16.53 13.84 -23.31
CA VAL A 394 17.85 13.54 -22.74
C VAL A 394 18.35 12.22 -23.32
N GLU A 395 19.66 11.98 -23.25
CA GLU A 395 20.18 10.73 -23.78
C GLU A 395 19.48 9.55 -23.08
N LYS A 396 19.36 8.43 -23.77
CA LYS A 396 18.69 7.29 -23.19
C LYS A 396 19.53 6.57 -22.13
N GLY A 397 20.84 6.58 -22.31
CA GLY A 397 21.71 5.92 -21.34
C GLY A 397 22.03 4.48 -21.68
N ILE A 398 21.29 3.92 -22.63
CA ILE A 398 21.52 2.55 -23.07
C ILE A 398 21.39 2.50 -24.59
N PRO A 399 22.04 1.52 -25.25
CA PRO A 399 21.94 1.45 -26.71
C PRO A 399 20.66 0.84 -27.26
N VAL A 400 19.58 1.60 -27.18
CA VAL A 400 18.30 1.16 -27.69
C VAL A 400 17.78 2.29 -28.58
N ASN A 401 17.30 1.91 -29.75
CA ASN A 401 16.76 2.86 -30.72
C ASN A 401 15.28 3.08 -30.41
N ILE A 402 14.94 4.29 -30.01
CA ILE A 402 13.54 4.61 -29.70
C ILE A 402 13.12 5.87 -30.44
N SER A 403 11.91 5.85 -30.99
CA SER A 403 11.43 7.01 -31.71
C SER A 403 11.49 8.21 -30.77
N ALA A 404 11.77 9.38 -31.31
CA ALA A 404 11.83 10.60 -30.51
C ALA A 404 10.66 11.50 -30.92
N ASN A 405 9.75 10.93 -31.70
CA ASN A 405 8.59 11.64 -32.24
C ASN A 405 7.42 11.70 -31.24
N ARG A 406 7.41 12.75 -30.42
CA ARG A 406 6.37 12.95 -29.42
C ARG A 406 4.97 13.07 -30.04
N SER A 407 4.84 13.87 -31.09
CA SER A 407 3.55 14.07 -31.74
C SER A 407 2.91 12.76 -32.21
N ALA A 408 3.75 11.79 -32.55
CA ALA A 408 3.27 10.50 -33.03
C ALA A 408 3.01 9.51 -31.90
N TYR A 409 3.24 9.94 -30.66
CA TYR A 409 3.05 9.05 -29.52
C TYR A 409 1.59 8.64 -29.32
N LYS A 410 1.39 7.35 -29.10
CA LYS A 410 0.08 6.80 -28.85
C LYS A 410 0.20 5.57 -27.99
N PRO A 411 -0.64 5.44 -26.95
CA PRO A 411 -0.51 4.22 -26.14
C PRO A 411 -0.89 3.05 -27.05
N VAL A 412 -0.39 1.86 -26.76
CA VAL A 412 -0.66 0.70 -27.57
C VAL A 412 -1.90 -0.08 -27.10
N LYS A 413 -2.60 -0.71 -28.04
CA LYS A 413 -3.76 -1.52 -27.71
C LYS A 413 -3.26 -2.89 -27.30
N ILE A 414 -3.77 -3.39 -26.19
CA ILE A 414 -3.37 -4.70 -25.69
C ILE A 414 -4.65 -5.48 -25.43
N LYS A 415 -4.67 -6.76 -25.80
CA LYS A 415 -5.88 -7.55 -25.61
C LYS A 415 -5.65 -8.99 -25.16
N ASP A 416 -4.41 -9.30 -24.83
CA ASP A 416 -4.08 -10.66 -24.41
C ASP A 416 -3.90 -10.81 -22.91
N ILE A 417 -4.19 -9.76 -22.14
CA ILE A 417 -3.96 -9.86 -20.70
C ILE A 417 -5.11 -10.53 -19.94
N GLN A 418 -4.83 -11.60 -19.24
CA GLN A 418 -5.88 -12.27 -18.49
C GLN A 418 -6.24 -11.41 -17.29
N PRO A 419 -7.52 -11.36 -16.90
CA PRO A 419 -7.95 -10.58 -15.76
C PRO A 419 -7.64 -11.38 -14.51
N ILE A 420 -7.72 -10.75 -13.35
CA ILE A 420 -7.46 -11.46 -12.10
C ILE A 420 -8.78 -11.94 -11.54
N GLU A 421 -8.86 -13.24 -11.28
CA GLU A 421 -10.10 -13.81 -10.76
C GLU A 421 -10.53 -13.10 -9.47
N GLY A 422 -11.81 -12.79 -9.36
CA GLY A 422 -12.28 -12.13 -8.16
C GLY A 422 -12.19 -10.61 -8.15
N ILE A 423 -11.54 -10.05 -9.16
CA ILE A 423 -11.40 -8.59 -9.23
C ILE A 423 -12.06 -8.13 -10.53
N ALA A 424 -13.18 -7.41 -10.39
CA ALA A 424 -13.95 -6.95 -11.53
C ALA A 424 -13.39 -5.77 -12.33
N LEU A 425 -12.24 -5.97 -12.93
CA LEU A 425 -11.62 -4.93 -13.75
C LEU A 425 -11.16 -5.59 -15.04
N ASP A 426 -11.45 -4.91 -16.15
CA ASP A 426 -11.09 -5.38 -17.49
C ASP A 426 -9.70 -4.82 -17.78
N LEU A 427 -8.68 -5.60 -17.48
CA LEU A 427 -7.32 -5.12 -17.66
C LEU A 427 -7.01 -4.73 -19.10
N ASN A 428 -7.49 -5.51 -20.07
CA ASN A 428 -7.22 -5.14 -21.46
C ASN A 428 -7.80 -3.78 -21.80
N ALA A 429 -9.05 -3.56 -21.38
CA ALA A 429 -9.71 -2.30 -21.67
C ALA A 429 -8.97 -1.14 -21.00
N LEU A 430 -8.67 -1.29 -19.71
CA LEU A 430 -7.99 -0.21 -19.00
C LEU A 430 -6.62 0.13 -19.58
N ILE A 431 -5.84 -0.88 -19.90
CA ILE A 431 -4.51 -0.62 -20.45
C ILE A 431 -4.58 0.04 -21.82
N SER A 432 -5.51 -0.44 -22.65
CA SER A 432 -5.65 0.09 -24.01
C SER A 432 -6.11 1.54 -24.04
N LYS A 433 -6.79 1.99 -23.00
CA LYS A 433 -7.27 3.38 -22.91
C LYS A 433 -6.12 4.35 -22.70
N GLY A 434 -5.02 3.86 -22.14
CA GLY A 434 -3.90 4.75 -21.85
C GLY A 434 -4.08 5.30 -20.43
N ILE A 435 -3.39 6.39 -20.10
CA ILE A 435 -3.50 6.99 -18.77
C ILE A 435 -4.73 7.88 -18.64
N THR A 436 -5.64 7.57 -17.73
CA THR A 436 -6.85 8.38 -17.59
C THR A 436 -6.88 9.16 -16.29
N GLY A 437 -7.69 10.21 -16.24
CA GLY A 437 -7.79 10.98 -15.01
C GLY A 437 -6.59 11.76 -14.54
N LYS A 438 -6.54 12.01 -13.24
CA LYS A 438 -5.44 12.79 -12.67
C LYS A 438 -5.29 12.45 -11.19
N PRO A 439 -4.26 13.00 -10.52
CA PRO A 439 -4.07 12.69 -9.11
C PRO A 439 -5.31 12.98 -8.26
N LEU A 440 -5.60 12.09 -7.31
CA LEU A 440 -6.75 12.29 -6.43
C LEU A 440 -6.45 13.31 -5.35
N SER A 441 -7.49 14.03 -4.94
CA SER A 441 -7.35 15.03 -3.88
C SER A 441 -8.05 14.50 -2.62
N TRP A 442 -7.80 15.16 -1.50
CA TRP A 442 -8.42 14.79 -0.24
C TRP A 442 -9.96 14.72 -0.35
N ASP A 443 -10.57 15.70 -1.00
CA ASP A 443 -12.03 15.68 -1.10
C ASP A 443 -12.59 14.48 -1.86
N GLU A 444 -11.77 13.83 -2.66
CA GLU A 444 -12.24 12.67 -3.41
C GLU A 444 -12.21 11.37 -2.63
N VAL A 445 -11.50 11.36 -1.50
CA VAL A 445 -11.41 10.17 -0.69
C VAL A 445 -11.90 10.33 0.76
N ARG A 446 -12.01 11.56 1.27
CA ARG A 446 -12.37 11.78 2.68
C ARG A 446 -13.69 11.17 3.21
N PRO A 447 -13.73 10.89 4.52
CA PRO A 447 -14.95 10.34 5.11
C PRO A 447 -16.06 11.36 4.78
N TYR A 448 -17.26 10.86 4.50
CA TYR A 448 -18.34 11.75 4.11
C TYR A 448 -18.66 12.86 5.09
N TRP A 449 -18.41 12.60 6.36
CA TRP A 449 -18.74 13.56 7.42
C TRP A 449 -17.61 14.47 7.87
N LEU A 450 -16.42 14.26 7.33
CA LEU A 450 -15.24 15.02 7.72
C LEU A 450 -14.73 15.98 6.64
N LYS A 451 -14.84 17.26 6.88
CA LYS A 451 -14.37 18.23 5.89
C LYS A 451 -12.85 18.49 6.00
N GLU A 452 -12.36 18.70 7.22
CA GLU A 452 -10.95 19.00 7.44
C GLU A 452 -10.02 17.81 7.55
N MET A 453 -8.93 17.84 6.79
CA MET A 453 -7.96 16.76 6.82
C MET A 453 -7.30 16.74 8.19
N PRO A 454 -7.31 15.56 8.86
CA PRO A 454 -6.68 15.49 10.17
C PRO A 454 -5.18 15.35 10.03
N GLY A 455 -4.48 15.33 11.16
CA GLY A 455 -3.05 15.16 11.15
C GLY A 455 -2.24 16.45 11.07
N THR A 456 -0.97 16.36 11.41
CA THR A 456 -0.10 17.51 11.38
C THR A 456 1.00 17.35 10.35
N TYR A 457 1.20 16.13 9.87
CA TYR A 457 2.29 15.81 8.94
C TYR A 457 2.08 16.00 7.44
N ALA A 458 0.88 15.69 6.97
CA ALA A 458 0.58 15.77 5.55
C ALA A 458 0.94 17.09 4.87
N LEU A 459 0.53 18.17 5.49
CA LEU A 459 0.77 19.51 4.92
C LEU A 459 2.07 20.18 5.31
N THR A 460 2.82 19.58 6.23
CA THR A 460 4.04 20.21 6.75
C THR A 460 5.34 19.39 6.77
N ALA A 461 5.22 18.07 6.65
CA ALA A 461 6.37 17.17 6.71
C ALA A 461 7.03 17.23 8.10
N ARG A 462 6.25 17.60 9.11
CA ARG A 462 6.76 17.68 10.48
C ARG A 462 5.62 17.45 11.49
N LEU A 463 5.87 16.64 12.51
CA LEU A 463 4.84 16.42 13.51
C LEU A 463 4.81 17.63 14.41
N SER A 464 3.65 17.91 14.99
CA SER A 464 3.53 19.04 15.92
C SER A 464 4.39 18.69 17.14
N ALA A 465 4.74 19.67 17.97
CA ALA A 465 5.60 19.39 19.11
C ALA A 465 5.19 18.22 19.99
N ASP A 466 3.92 18.18 20.42
CA ASP A 466 3.44 17.10 21.27
C ASP A 466 3.56 15.70 20.66
N ARG A 467 3.19 15.59 19.39
CA ARG A 467 3.27 14.31 18.72
C ARG A 467 4.70 13.90 18.43
N ALA A 468 5.57 14.88 18.18
CA ALA A 468 6.97 14.59 17.93
C ALA A 468 7.63 14.03 19.19
N ALA A 469 7.24 14.54 20.38
CA ALA A 469 7.81 14.05 21.63
C ALA A 469 7.42 12.59 21.84
N LYS A 470 6.16 12.26 21.59
CA LYS A 470 5.73 10.88 21.74
C LYS A 470 6.43 9.95 20.74
N PHE A 471 6.61 10.42 19.50
CA PHE A 471 7.28 9.64 18.45
C PHE A 471 8.72 9.35 18.91
N LYS A 472 9.36 10.39 19.44
CA LYS A 472 10.74 10.22 19.92
C LYS A 472 10.83 9.14 20.99
N ALA A 473 9.84 9.09 21.89
CA ALA A 473 9.85 8.10 22.96
C ALA A 473 9.66 6.67 22.43
N VAL A 474 8.78 6.51 21.44
CA VAL A 474 8.52 5.20 20.84
C VAL A 474 9.81 4.69 20.17
N ILE A 475 10.45 5.56 19.42
CA ILE A 475 11.66 5.18 18.71
C ILE A 475 12.78 4.79 19.68
N LYS A 476 12.95 5.59 20.73
CA LYS A 476 14.00 5.32 21.72
C LYS A 476 13.81 3.97 22.44
N ARG A 477 12.58 3.61 22.75
CA ARG A 477 12.41 2.35 23.47
C ARG A 477 12.51 1.11 22.58
N ASN A 478 12.55 1.32 21.27
CA ASN A 478 12.62 0.21 20.35
C ASN A 478 14.06 -0.11 19.95
N LYS A 479 15.01 0.73 20.36
CA LYS A 479 16.40 0.51 20.02
C LYS A 479 17.28 0.11 21.21
N GLU A 480 18.55 -0.17 20.93
CA GLU A 480 19.48 -0.58 21.95
C GLU A 480 19.46 0.29 23.19
N HIS A 481 19.63 -0.35 24.33
CA HIS A 481 19.66 0.40 25.57
C HIS A 481 20.96 1.17 25.58
C1 MAN B . -11.44 4.52 -7.34
C2 MAN B . -11.41 4.10 -8.80
C3 MAN B . -10.83 5.25 -9.64
C4 MAN B . -11.59 6.58 -9.41
C5 MAN B . -11.79 6.86 -7.92
C6 MAN B . -12.81 7.96 -7.70
O2 MAN B . -12.75 3.78 -9.25
O3 MAN B . -10.90 4.88 -11.00
O4 MAN B . -10.83 7.70 -9.92
O5 MAN B . -12.25 5.69 -7.21
O6 MAN B . -12.87 8.31 -6.33
C1 GCU B . -13.39 2.74 -8.57
C2 GCU B . -14.37 2.04 -9.53
C3 GCU B . -15.48 2.98 -9.96
C4 GCU B . -16.19 3.53 -8.71
C5 GCU B . -15.14 4.24 -7.85
C6 GCU B . -15.69 4.86 -6.57
O2 GCU B . -13.69 1.60 -10.69
O3 GCU B . -16.40 2.29 -10.81
O4 GCU B . -17.21 4.49 -9.12
O5 GCU B . -14.10 3.30 -7.47
O6A GCU B . -16.18 4.10 -5.71
O6B GCU B . -15.77 6.12 -6.56
C1 XYP B . -18.51 4.23 -8.73
C2 XYP B . -19.35 5.51 -8.95
C3 XYP B . -20.82 5.23 -8.65
C4 XYP B . -21.28 4.04 -9.48
C5 XYP B . -20.36 2.84 -9.21
O2 XYP B . -18.90 6.54 -8.09
O3 XYP B . -21.59 6.38 -8.99
O4 XYP B . -22.64 3.70 -9.16
O5 XYP B . -19.01 3.18 -9.54
C1 MXZ B . -23.47 3.62 -10.29
C2 MXZ B . -24.64 2.69 -10.01
C3 MXZ B . -25.46 3.22 -8.84
C4 MXZ B . -25.94 4.64 -9.16
C5 MXZ B . -24.72 5.52 -9.50
O2 MXZ B . -24.15 1.36 -9.71
O3 MXZ B . -26.60 2.36 -8.63
O4 MXZ B . -26.81 4.56 -10.30
O5 MXZ B . -23.95 4.93 -10.57
CM MXZ B . -23.63 0.78 -10.92
C6 MXZ B . -25.07 6.94 -9.95
C1 GLA B . -26.58 1.64 -7.44
C2 GLA B . -27.57 0.47 -7.52
C3 GLA B . -29.03 0.97 -7.58
C4 GLA B . -29.33 2.04 -6.52
C5 GLA B . -28.25 3.12 -6.50
C6 GLA B . -28.42 4.09 -5.34
O2 GLA B . -27.29 -0.29 -8.69
O3 GLA B . -29.91 -0.13 -7.41
O4 GLA B . -29.42 1.45 -5.24
O5 GLA B . -26.93 2.52 -6.37
O6 GLA B . -27.55 5.21 -5.46
C2 BGC B . -28.42 5.50 -11.78
C3 BGC B . -29.64 6.43 -11.83
C4 BGC B . -30.65 6.08 -10.73
C5 BGC B . -29.94 6.02 -9.37
C6 BGC B . -30.86 5.62 -8.24
C1 BGC B . -27.86 5.47 -10.36
O2 BGC B . -27.42 5.94 -12.68
O3 BGC B . -30.28 6.29 -13.09
O4 BGC B . -31.69 7.05 -10.69
O5 BGC B . -28.86 5.06 -9.43
O6 BGC B . -31.16 4.23 -8.32
C1 RAM B . -10.87 7.93 -11.30
C2 RAM B . -10.60 9.40 -11.56
C3 RAM B . -9.21 9.79 -11.04
C4 RAM B . -8.12 8.85 -11.58
C5 RAM B . -8.52 7.37 -11.43
C6 RAM B . -7.58 6.44 -12.18
O2 RAM B . -10.68 9.64 -12.96
O3 RAM B . -8.93 11.12 -11.43
O4 RAM B . -6.92 9.08 -10.86
O5 RAM B . -9.86 7.13 -11.93
C1 ASG C . 13.59 -6.78 3.29
C2 ASG C . 15.13 -6.71 3.27
C3 ASG C . 15.58 -5.26 3.43
C4 ASG C . 14.93 -4.40 2.37
C5 ASG C . 13.40 -4.52 2.48
C6 ASG C . 12.67 -3.72 1.39
C7 ASG C . 16.71 -8.32 4.17
C8 ASG C . 17.25 -9.05 5.38
O1 ASG C . 13.21 -8.08 2.97
N2 ASG C . 15.67 -7.50 4.37
O3 ASG C . 17.01 -5.16 3.34
O4 ASG C . 15.26 -4.84 1.04
O5 ASG C . 13.01 -5.90 2.31
O6 ASG C . 12.76 -2.32 1.61
O7 ASG C . 17.23 -8.51 3.06
OSA ASG C . 15.71 -4.01 -1.22
OSB ASG C . 16.31 -2.64 0.68
OSC ASG C . 17.67 -4.53 0.21
S ASG C . 16.28 -4.02 0.14
C1 BDP C . 17.63 -4.28 4.20
C2 BDP C . 19.09 -4.71 4.40
C3 BDP C . 19.83 -3.68 5.25
C4 BDP C . 19.65 -2.30 4.64
C5 BDP C . 18.18 -1.97 4.47
C6 BDP C . 17.95 -0.62 3.82
O2 BDP C . 19.12 -5.97 5.06
O3 BDP C . 21.22 -4.00 5.27
O4 BDP C . 20.28 -1.35 5.51
O5 BDP C . 17.56 -2.95 3.64
O6A BDP C . 17.35 0.24 4.50
O6B BDP C . 18.40 -0.44 2.67
C1 ASG C . 21.13 -0.45 4.91
C2 ASG C . 21.50 0.63 5.93
C3 ASG C . 22.57 1.55 5.34
C4 ASG C . 23.78 0.72 4.89
C5 ASG C . 23.28 -0.29 3.86
C6 ASG C . 24.36 -1.18 3.27
C7 ASG C . 19.88 1.42 7.53
C8 ASG C . 18.56 2.13 7.78
N2 ASG C . 20.31 1.40 6.27
O3 ASG C . 22.93 2.55 6.31
O4 ASG C . 24.35 0.01 6.01
O5 ASG C . 22.30 -1.15 4.47
O6 ASG C . 23.88 -1.92 2.15
O7 ASG C . 20.51 0.92 8.46
OSA ASG C . 26.74 -0.14 5.37
OSB ASG C . 26.03 1.86 6.51
OSC ASG C . 26.21 -0.25 7.71
S ASG C . 25.87 0.39 6.42
C1 GCD C . 22.92 3.85 5.82
C2 GCD C . 22.80 4.83 6.94
C3 GCD C . 22.89 6.24 6.24
C4 GCD C . 23.88 6.45 5.03
C5 GCD C . 24.57 5.36 4.59
C6 GCD C . 25.57 5.28 3.47
O2 GCD C . 21.49 4.72 7.57
O3 GCD C . 22.89 7.16 7.33
O5 GCD C . 24.31 4.07 5.27
O6A GCD C . 26.78 5.17 3.91
O6B GCD C . 25.10 5.26 2.26
#